data_8HVC
#
_entry.id   8HVC
#
_cell.length_a   53.918
_cell.length_b   50.852
_cell.length_c   86.052
_cell.angle_alpha   90.00
_cell.angle_beta   97.92
_cell.angle_gamma   90.00
#
_symmetry.space_group_name_H-M   'P 1 21 1'
#
loop_
_entity.id
_entity.type
_entity.pdbx_description
1 polymer Lacto-N-biosidase
2 branched beta-D-galactopyranose-(1-3)-2-acetamido-2-deoxy-beta-D-galactopyranose
3 non-polymer (4S)-2-METHYL-2,4-PENTANEDIOL
4 water water
#
_entity_poly.entity_id   1
_entity_poly.type   'polypeptide(L)'
_entity_poly.pdbx_seq_one_letter_code
;GPSAGEGGSAAAAPPEVLPTLREWQGGQGEFTLTDRAGIVLDGVRDSRTAADARRFAGELNGKASVSQGRAARPGDIVLR
QDPAQKGLLGAEGYRLTVGTRITVTAATSTGVFYGTRTVLQLLNDDGRAARGSATDVPAYRERGVGVCACYINISTQWFE
RLMKDMASQKLNQLWIEAKVKSDTDPASAFWGYYTKPQVRTLVAMARKYHIELVPEINSPGHMDTYLENHPELQLKDRDG
VASPPRLDISRPEALAYYTSMVDEALKVWDSRYWHMGADEYMIGSSYPDYPQLQAAARAKFGASATPDDLFTDFINQVNA
HVKADGRSLRIWNDGLAGKNAVVPLDRDITVEHWLSGGSIQQPSSLLAEGRPVMNSAYSLYLVRGGFTMQTQKLYESDWT
PLRFEGQTLTQGAANLTGAKISLWPDSAAAETENEVETKVFMPLRFVAQATWGGPKPSPTYAGFEALARKIGHAPGWENT
DRTPLADGTYRLTTGAKALAPTADAGVSLVKNSAASWALTATADGYYTVRSTESGQCLDAVRGKKYLGAPLEVGAELSLA
NCSTTARTQRWQLDTGAGALTLRNAISQLHLTERASDGAAVQTTGATRLTARAA
;
_entity_poly.pdbx_strand_id   A
#
loop_
_chem_comp.id
_chem_comp.type
_chem_comp.name
_chem_comp.formula
GAL D-saccharide, beta linking beta-D-galactopyranose 'C6 H12 O6'
MPD non-polymer (4S)-2-METHYL-2,4-PENTANEDIOL 'C6 H14 O2'
NGA D-saccharide, beta linking 2-acetamido-2-deoxy-beta-D-galactopyranose 'C8 H15 N O6'
#
# COMPACT_ATOMS: atom_id res chain seq x y z
N ALA A 13 -33.79 -7.93 -8.35
CA ALA A 13 -32.79 -8.29 -7.31
C ALA A 13 -31.38 -8.13 -7.87
N PRO A 14 -30.52 -7.26 -7.31
CA PRO A 14 -29.22 -6.99 -7.92
C PRO A 14 -28.21 -8.10 -7.66
N PRO A 15 -27.26 -8.29 -8.59
CA PRO A 15 -26.25 -9.34 -8.42
C PRO A 15 -25.37 -9.21 -7.18
N GLU A 16 -24.95 -10.35 -6.65
CA GLU A 16 -24.03 -10.38 -5.52
C GLU A 16 -22.61 -10.25 -6.06
N VAL A 17 -22.16 -8.99 -6.22
CA VAL A 17 -20.82 -8.68 -6.67
C VAL A 17 -20.31 -7.59 -5.73
N LEU A 18 -18.99 -7.42 -5.68
CA LEU A 18 -18.35 -6.48 -4.76
C LEU A 18 -17.24 -5.76 -5.51
N PRO A 19 -17.19 -4.42 -5.49
CA PRO A 19 -18.31 -3.58 -5.02
C PRO A 19 -19.63 -3.87 -5.74
N THR A 20 -20.74 -3.51 -5.10
CA THR A 20 -22.03 -3.63 -5.75
C THR A 20 -22.18 -2.61 -6.88
N LEU A 21 -22.99 -2.96 -7.88
CA LEU A 21 -23.27 -2.09 -9.02
C LEU A 21 -24.07 -0.87 -8.56
N ARG A 22 -23.88 0.25 -9.25
CA ARG A 22 -24.46 1.53 -8.90
C ARG A 22 -25.98 1.49 -9.06
N GLU A 23 -26.41 0.69 -10.02
CA GLU A 23 -27.83 0.47 -10.25
C GLU A 23 -27.92 -0.89 -10.90
N TRP A 24 -29.11 -1.44 -10.95
CA TRP A 24 -29.36 -2.70 -11.67
C TRP A 24 -30.80 -2.72 -12.16
N GLN A 25 -30.93 -2.95 -13.47
CA GLN A 25 -32.22 -3.09 -14.13
C GLN A 25 -32.34 -4.57 -14.45
N GLY A 26 -33.14 -5.29 -13.66
CA GLY A 26 -33.24 -6.74 -13.75
C GLY A 26 -34.04 -7.19 -14.96
N GLY A 27 -33.64 -8.32 -15.54
CA GLY A 27 -34.43 -8.94 -16.60
C GLY A 27 -34.65 -10.43 -16.33
N GLN A 28 -35.33 -11.07 -17.28
CA GLN A 28 -35.69 -12.47 -17.20
C GLN A 28 -34.56 -13.25 -17.86
N GLY A 29 -34.35 -14.47 -17.40
CA GLY A 29 -33.40 -15.37 -18.02
C GLY A 29 -32.03 -15.33 -17.34
N GLU A 30 -31.11 -16.04 -17.94
CA GLU A 30 -29.74 -16.14 -17.42
C GLU A 30 -28.74 -16.31 -18.56
N PHE A 31 -27.57 -15.67 -18.38
CA PHE A 31 -26.40 -15.91 -19.21
C PHE A 31 -25.69 -17.13 -18.63
N THR A 32 -25.33 -18.10 -19.46
CA THR A 32 -24.51 -19.22 -19.03
C THR A 32 -23.21 -19.21 -19.81
N LEU A 33 -22.11 -19.51 -19.13
CA LEU A 33 -20.82 -19.67 -19.76
C LEU A 33 -20.73 -21.08 -20.35
N THR A 34 -20.43 -21.17 -21.64
CA THR A 34 -20.35 -22.43 -22.36
C THR A 34 -19.00 -22.50 -23.06
N ASP A 35 -18.72 -23.67 -23.63
CA ASP A 35 -17.44 -23.94 -24.24
C ASP A 35 -17.31 -23.11 -25.52
N ARG A 36 -18.42 -22.62 -26.06
CA ARG A 36 -18.35 -21.90 -27.32
C ARG A 36 -18.04 -20.43 -27.06
N ALA A 37 -18.10 -19.97 -25.80
CA ALA A 37 -17.96 -18.55 -25.53
C ALA A 37 -16.59 -18.07 -25.97
N GLY A 38 -16.58 -16.92 -26.64
CA GLY A 38 -15.39 -16.15 -26.91
C GLY A 38 -15.38 -14.80 -26.19
N ILE A 39 -14.18 -14.25 -26.02
CA ILE A 39 -13.95 -12.87 -25.60
C ILE A 39 -13.73 -12.04 -26.85
N VAL A 40 -14.66 -11.12 -27.08
CA VAL A 40 -14.66 -10.34 -28.32
C VAL A 40 -14.31 -8.90 -27.97
N LEU A 41 -13.17 -8.41 -28.49
CA LEU A 41 -12.87 -6.99 -28.44
C LEU A 41 -13.42 -6.31 -29.70
N ASP A 42 -14.59 -5.70 -29.64
CA ASP A 42 -15.15 -5.19 -30.88
C ASP A 42 -15.16 -3.66 -30.87
N GLY A 43 -14.32 -3.05 -30.04
CA GLY A 43 -14.06 -1.60 -30.12
C GLY A 43 -12.68 -1.32 -30.73
N VAL A 44 -12.08 -0.22 -30.29
CA VAL A 44 -10.81 0.24 -30.84
C VAL A 44 -9.70 -0.73 -30.44
N ARG A 45 -8.64 -0.70 -31.23
CA ARG A 45 -7.45 -1.46 -30.94
C ARG A 45 -6.72 -0.86 -29.75
N ASP A 46 -6.39 -1.71 -28.78
CA ASP A 46 -5.64 -1.24 -27.63
C ASP A 46 -4.90 -2.44 -27.05
N SER A 47 -3.56 -2.41 -27.16
CA SER A 47 -2.65 -3.46 -26.73
C SER A 47 -2.82 -3.81 -25.26
N ARG A 48 -3.00 -2.79 -24.42
CA ARG A 48 -3.15 -3.00 -23.01
C ARG A 48 -4.45 -3.76 -22.75
N THR A 49 -5.54 -3.31 -23.37
CA THR A 49 -6.85 -3.95 -23.19
C THR A 49 -6.82 -5.40 -23.68
N ALA A 50 -6.12 -5.63 -24.80
CA ALA A 50 -5.96 -6.95 -25.37
C ALA A 50 -5.16 -7.87 -24.43
N ALA A 51 -4.07 -7.38 -23.87
CA ALA A 51 -3.29 -8.15 -22.92
C ALA A 51 -4.12 -8.49 -21.68
N ASP A 52 -4.85 -7.50 -21.17
CA ASP A 52 -5.74 -7.73 -20.04
C ASP A 52 -6.75 -8.82 -20.41
N ALA A 53 -7.32 -8.72 -21.62
CA ALA A 53 -8.40 -9.62 -22.05
C ALA A 53 -7.91 -11.07 -22.13
N ARG A 54 -6.64 -11.25 -22.55
CA ARG A 54 -6.07 -12.57 -22.67
C ARG A 54 -5.92 -13.21 -21.28
N ARG A 55 -5.51 -12.44 -20.28
CA ARG A 55 -5.51 -12.92 -18.89
C ARG A 55 -6.92 -13.24 -18.41
N PHE A 56 -7.85 -12.32 -18.63
CA PHE A 56 -9.24 -12.51 -18.26
C PHE A 56 -9.79 -13.79 -18.90
N ALA A 57 -9.59 -13.99 -20.21
CA ALA A 57 -10.03 -15.22 -20.87
C ALA A 57 -9.61 -16.46 -20.09
N GLY A 58 -8.35 -16.49 -19.62
CA GLY A 58 -7.83 -17.64 -18.89
C GLY A 58 -8.33 -17.75 -17.44
N GLU A 59 -8.87 -16.66 -16.88
CA GLU A 59 -9.33 -16.66 -15.50
C GLU A 59 -10.70 -17.30 -15.41
N LEU A 60 -11.34 -17.58 -16.56
CA LEU A 60 -12.62 -18.27 -16.62
C LEU A 60 -12.37 -19.76 -16.84
N ASN A 61 -13.24 -20.62 -16.28
CA ASN A 61 -13.23 -22.05 -16.58
C ASN A 61 -13.53 -22.23 -18.06
N GLY A 62 -12.86 -23.22 -18.66
CA GLY A 62 -12.96 -23.43 -20.09
C GLY A 62 -11.79 -22.75 -20.81
N LYS A 63 -11.94 -22.65 -22.14
CA LYS A 63 -10.93 -22.24 -23.10
C LYS A 63 -11.54 -21.20 -24.04
N ALA A 64 -11.67 -19.95 -23.58
CA ALA A 64 -12.22 -18.87 -24.37
C ALA A 64 -11.10 -18.23 -25.17
N SER A 65 -11.27 -18.13 -26.50
CA SER A 65 -10.33 -17.42 -27.34
C SER A 65 -10.64 -15.92 -27.28
N VAL A 66 -9.60 -15.10 -27.40
CA VAL A 66 -9.78 -13.67 -27.56
C VAL A 66 -9.61 -13.29 -29.03
N SER A 67 -10.52 -12.45 -29.53
CA SER A 67 -10.48 -12.03 -30.91
C SER A 67 -10.84 -10.55 -31.01
N GLN A 68 -10.32 -9.86 -32.06
CA GLN A 68 -10.69 -8.47 -32.34
C GLN A 68 -11.30 -8.30 -33.73
N GLY A 69 -11.41 -9.37 -34.54
CA GLY A 69 -11.82 -9.24 -35.93
C GLY A 69 -13.30 -9.54 -36.20
N ARG A 70 -13.87 -10.43 -35.40
CA ARG A 70 -15.17 -10.97 -35.74
C ARG A 70 -16.24 -10.25 -34.91
N ALA A 71 -17.46 -10.29 -35.42
CA ALA A 71 -18.60 -9.75 -34.70
C ALA A 71 -18.93 -10.65 -33.53
N ALA A 72 -19.45 -10.06 -32.47
CA ALA A 72 -19.89 -10.80 -31.32
C ALA A 72 -21.16 -11.63 -31.64
N ARG A 73 -21.38 -12.64 -30.81
CA ARG A 73 -22.42 -13.63 -31.02
C ARG A 73 -23.09 -13.89 -29.69
N PRO A 74 -24.28 -14.53 -29.64
CA PRO A 74 -24.81 -14.92 -28.34
C PRO A 74 -23.78 -15.80 -27.65
N GLY A 75 -23.76 -15.70 -26.33
CA GLY A 75 -22.87 -16.54 -25.54
C GLY A 75 -21.49 -15.93 -25.31
N ASP A 76 -21.11 -14.93 -26.11
CA ASP A 76 -19.80 -14.29 -25.96
C ASP A 76 -19.80 -13.31 -24.80
N ILE A 77 -18.59 -12.98 -24.33
CA ILE A 77 -18.30 -11.83 -23.50
C ILE A 77 -17.63 -10.78 -24.38
N VAL A 78 -18.32 -9.66 -24.53
CA VAL A 78 -17.96 -8.62 -25.47
C VAL A 78 -17.36 -7.47 -24.66
N LEU A 79 -16.10 -7.14 -24.97
CA LEU A 79 -15.39 -6.02 -24.38
C LEU A 79 -15.27 -4.93 -25.43
N ARG A 80 -16.13 -3.93 -25.30
CA ARG A 80 -16.25 -2.89 -26.30
C ARG A 80 -15.65 -1.58 -25.79
N GLN A 81 -14.46 -1.25 -26.30
CA GLN A 81 -13.76 -0.03 -25.90
C GLN A 81 -14.11 1.06 -26.91
N ASP A 82 -14.96 2.00 -26.49
CA ASP A 82 -15.39 3.10 -27.34
C ASP A 82 -14.98 4.43 -26.71
N PRO A 83 -13.90 5.08 -27.22
CA PRO A 83 -13.42 6.36 -26.69
C PRO A 83 -14.50 7.45 -26.73
N ALA A 84 -15.47 7.33 -27.62
CA ALA A 84 -16.56 8.30 -27.71
C ALA A 84 -17.42 8.29 -26.43
N GLN A 85 -17.38 7.20 -25.67
CA GLN A 85 -18.12 7.10 -24.42
C GLN A 85 -17.39 7.74 -23.23
N LYS A 86 -16.27 8.47 -23.41
CA LYS A 86 -15.51 8.95 -22.28
C LYS A 86 -16.31 9.97 -21.47
N GLY A 87 -17.12 10.78 -22.16
CA GLY A 87 -17.89 11.76 -21.42
C GLY A 87 -18.83 11.08 -20.43
N LEU A 88 -19.51 10.05 -20.90
CA LEU A 88 -20.61 9.44 -20.15
C LEU A 88 -20.04 8.51 -19.07
N LEU A 89 -19.01 7.74 -19.41
CA LEU A 89 -18.55 6.68 -18.50
C LEU A 89 -17.27 7.07 -17.78
N GLY A 90 -16.65 8.19 -18.17
CA GLY A 90 -15.43 8.65 -17.52
C GLY A 90 -14.26 7.71 -17.82
N ALA A 91 -13.19 7.88 -17.06
CA ALA A 91 -11.98 7.12 -17.29
C ALA A 91 -12.10 5.70 -16.72
N GLU A 92 -13.09 5.44 -15.85
CA GLU A 92 -13.16 4.16 -15.15
C GLU A 92 -14.53 3.47 -15.23
N GLY A 93 -15.59 4.13 -15.68
CA GLY A 93 -16.90 3.49 -15.68
C GLY A 93 -17.10 2.54 -16.85
N TYR A 94 -18.18 1.77 -16.76
CA TYR A 94 -18.54 0.88 -17.85
C TYR A 94 -20.05 0.66 -17.83
N ARG A 95 -20.58 0.18 -18.95
CA ARG A 95 -21.97 -0.21 -19.06
C ARG A 95 -22.00 -1.72 -19.27
N LEU A 96 -22.71 -2.40 -18.39
CA LEU A 96 -22.77 -3.83 -18.35
C LEU A 96 -24.16 -4.25 -18.82
N THR A 97 -24.19 -5.18 -19.78
CA THR A 97 -25.40 -5.91 -20.10
C THR A 97 -25.18 -7.39 -19.87
N VAL A 98 -26.05 -8.03 -19.08
CA VAL A 98 -26.06 -9.48 -18.94
C VAL A 98 -27.31 -9.97 -19.65
N GLY A 99 -27.13 -10.41 -20.89
CA GLY A 99 -28.20 -10.86 -21.75
C GLY A 99 -27.97 -12.28 -22.26
N THR A 100 -28.23 -12.44 -23.55
CA THR A 100 -27.88 -13.66 -24.28
C THR A 100 -26.40 -13.69 -24.60
N ARG A 101 -25.79 -12.50 -24.50
CA ARG A 101 -24.34 -12.36 -24.35
C ARG A 101 -24.12 -11.38 -23.20
N ILE A 102 -22.88 -11.34 -22.70
CA ILE A 102 -22.44 -10.29 -21.81
C ILE A 102 -21.72 -9.22 -22.62
N THR A 103 -22.07 -7.94 -22.41
CA THR A 103 -21.39 -6.81 -23.02
C THR A 103 -20.90 -5.85 -21.93
N VAL A 104 -19.61 -5.51 -22.04
CA VAL A 104 -18.98 -4.46 -21.28
C VAL A 104 -18.56 -3.40 -22.26
N THR A 105 -19.18 -2.25 -22.13
CA THR A 105 -18.83 -1.06 -22.89
C THR A 105 -18.15 -0.07 -21.93
N ALA A 106 -16.95 0.38 -22.30
CA ALA A 106 -16.21 1.41 -21.58
C ALA A 106 -15.45 2.32 -22.56
N ALA A 107 -14.96 3.44 -22.04
CA ALA A 107 -14.25 4.41 -22.85
C ALA A 107 -12.75 4.14 -22.84
N THR A 108 -12.29 3.35 -21.86
CA THR A 108 -10.86 3.24 -21.63
C THR A 108 -10.50 1.80 -21.30
N SER A 109 -9.21 1.49 -21.38
CA SER A 109 -8.68 0.23 -20.91
C SER A 109 -9.13 -0.11 -19.47
N THR A 110 -9.06 0.90 -18.60
CA THR A 110 -9.39 0.75 -17.20
C THR A 110 -10.86 0.36 -17.04
N GLY A 111 -11.76 1.08 -17.73
CA GLY A 111 -13.19 0.84 -17.71
C GLY A 111 -13.54 -0.57 -18.15
N VAL A 112 -12.88 -1.05 -19.22
CA VAL A 112 -13.08 -2.41 -19.66
C VAL A 112 -12.61 -3.35 -18.56
N PHE A 113 -11.41 -3.12 -18.05
CA PHE A 113 -10.83 -3.99 -17.05
C PHE A 113 -11.76 -4.12 -15.84
N TYR A 114 -12.25 -3.00 -15.32
CA TYR A 114 -13.16 -3.05 -14.17
C TYR A 114 -14.42 -3.85 -14.53
N GLY A 115 -14.97 -3.64 -15.74
CA GLY A 115 -16.07 -4.47 -16.22
C GLY A 115 -15.76 -5.95 -16.13
N THR A 116 -14.55 -6.33 -16.52
CA THR A 116 -14.19 -7.75 -16.47
C THR A 116 -14.09 -8.26 -15.03
N ARG A 117 -13.75 -7.39 -14.07
CA ARG A 117 -13.73 -7.75 -12.67
C ARG A 117 -15.14 -8.15 -12.22
N THR A 118 -16.15 -7.39 -12.64
CA THR A 118 -17.53 -7.75 -12.34
C THR A 118 -17.94 -9.07 -13.00
N VAL A 119 -17.52 -9.26 -14.25
CA VAL A 119 -17.88 -10.47 -14.96
C VAL A 119 -17.31 -11.71 -14.30
N LEU A 120 -16.04 -11.72 -13.85
CA LEU A 120 -15.48 -12.85 -13.13
C LEU A 120 -16.30 -13.19 -11.90
N GLN A 121 -16.81 -12.18 -11.20
CA GLN A 121 -17.61 -12.42 -10.00
C GLN A 121 -18.99 -12.95 -10.35
N LEU A 122 -19.60 -12.44 -11.46
CA LEU A 122 -20.93 -12.88 -11.88
C LEU A 122 -20.90 -14.36 -12.23
N LEU A 123 -19.77 -14.86 -12.74
CA LEU A 123 -19.76 -16.20 -13.27
C LEU A 123 -19.07 -17.17 -12.30
N ASN A 124 -18.64 -16.66 -11.14
CA ASN A 124 -17.81 -17.39 -10.20
C ASN A 124 -18.51 -18.65 -9.71
N ASP A 125 -19.73 -18.53 -9.17
CA ASP A 125 -20.38 -19.63 -8.45
C ASP A 125 -20.61 -20.81 -9.38
N ASP A 126 -21.30 -20.62 -10.51
CA ASP A 126 -21.66 -21.76 -11.33
C ASP A 126 -21.68 -21.44 -12.84
N GLY A 127 -21.03 -20.33 -13.23
CA GLY A 127 -20.92 -19.99 -14.63
C GLY A 127 -22.25 -19.47 -15.20
N ARG A 128 -23.16 -19.08 -14.31
CA ARG A 128 -24.46 -18.55 -14.66
C ARG A 128 -24.67 -17.23 -13.92
N ALA A 129 -25.40 -16.32 -14.58
CA ALA A 129 -25.74 -15.04 -14.03
C ALA A 129 -27.12 -14.60 -14.53
N ALA A 130 -27.90 -14.06 -13.61
CA ALA A 130 -29.21 -13.54 -13.94
C ALA A 130 -29.08 -12.29 -14.81
N ARG A 131 -30.00 -12.14 -15.77
CA ARG A 131 -29.87 -11.09 -16.77
C ARG A 131 -30.30 -9.74 -16.19
N GLY A 132 -29.75 -8.71 -16.79
CA GLY A 132 -30.04 -7.34 -16.44
C GLY A 132 -28.94 -6.45 -16.98
N SER A 133 -28.94 -5.19 -16.55
CA SER A 133 -27.99 -4.20 -17.03
C SER A 133 -27.76 -3.13 -15.97
N ALA A 134 -26.65 -2.44 -16.13
CA ALA A 134 -26.23 -1.40 -15.21
C ALA A 134 -25.23 -0.49 -15.88
N THR A 135 -25.39 0.82 -15.68
CA THR A 135 -24.32 1.77 -15.89
C THR A 135 -23.54 1.87 -14.59
N ASP A 136 -22.31 1.34 -14.59
CA ASP A 136 -21.53 1.23 -13.36
C ASP A 136 -20.32 2.17 -13.45
N VAL A 137 -20.47 3.34 -12.82
CA VAL A 137 -19.48 4.40 -12.77
C VAL A 137 -19.16 4.64 -11.30
N PRO A 138 -17.88 4.77 -10.83
CA PRO A 138 -17.65 4.95 -9.39
C PRO A 138 -18.20 6.26 -8.83
N ALA A 139 -18.78 6.25 -7.60
CA ALA A 139 -19.28 7.48 -7.00
C ALA A 139 -18.12 8.41 -6.63
N TYR A 140 -16.94 7.83 -6.32
CA TYR A 140 -15.80 8.64 -5.88
C TYR A 140 -14.59 8.35 -6.78
N ARG A 141 -13.77 9.36 -7.06
CA ARG A 141 -12.70 9.17 -8.03
C ARG A 141 -11.44 8.58 -7.41
N GLU A 142 -11.30 8.65 -6.07
CA GLU A 142 -10.12 8.13 -5.38
C GLU A 142 -10.55 7.04 -4.40
N ARG A 143 -10.07 5.81 -4.63
CA ARG A 143 -10.52 4.62 -3.92
C ARG A 143 -9.25 3.86 -3.59
N GLY A 144 -8.79 4.00 -2.34
CA GLY A 144 -7.39 3.78 -2.10
C GLY A 144 -7.08 2.87 -0.93
N VAL A 145 -5.83 2.39 -1.02
CA VAL A 145 -5.11 1.77 0.07
C VAL A 145 -3.77 2.50 0.23
N GLY A 146 -3.40 2.77 1.49
CA GLY A 146 -2.12 3.35 1.79
C GLY A 146 -1.27 2.37 2.60
N VAL A 147 0.01 2.30 2.23
CA VAL A 147 0.97 1.46 2.95
C VAL A 147 2.18 2.30 3.33
N CYS A 148 2.36 2.44 4.63
CA CYS A 148 3.55 3.07 5.19
C CYS A 148 4.67 2.03 5.23
N ALA A 149 5.49 1.99 4.18
CA ALA A 149 6.66 1.10 4.13
C ALA A 149 7.88 1.88 4.58
N CYS A 150 7.84 2.25 5.87
N CYS A 150 7.81 2.40 5.82
CA CYS A 150 8.69 3.21 6.56
CA CYS A 150 8.93 3.11 6.38
C CYS A 150 9.39 2.53 7.73
C CYS A 150 9.47 2.34 7.57
N TYR A 151 10.74 2.64 7.84
CA TYR A 151 11.56 1.94 8.81
C TYR A 151 11.68 0.49 8.34
N ILE A 152 10.58 -0.27 8.46
CA ILE A 152 10.53 -1.60 7.87
C ILE A 152 10.47 -1.49 6.35
N ASN A 153 10.65 -2.64 5.72
CA ASN A 153 10.54 -2.80 4.29
C ASN A 153 9.37 -3.77 4.06
N ILE A 154 8.53 -3.47 3.09
CA ILE A 154 7.43 -4.34 2.72
C ILE A 154 7.81 -4.95 1.38
N SER A 155 7.70 -6.28 1.26
CA SER A 155 8.20 -6.95 0.06
C SER A 155 7.48 -6.49 -1.20
N THR A 156 8.21 -6.51 -2.31
CA THR A 156 7.57 -6.23 -3.60
C THR A 156 6.55 -7.32 -3.94
N GLN A 157 6.77 -8.57 -3.49
CA GLN A 157 5.79 -9.61 -3.76
C GLN A 157 4.49 -9.28 -3.07
N TRP A 158 4.59 -8.80 -1.83
CA TRP A 158 3.44 -8.47 -1.01
C TRP A 158 2.68 -7.34 -1.70
N PHE A 159 3.42 -6.33 -2.16
CA PHE A 159 2.79 -5.24 -2.92
C PHE A 159 2.12 -5.71 -4.22
N GLU A 160 2.70 -6.65 -4.94
CA GLU A 160 2.10 -7.13 -6.17
C GLU A 160 0.75 -7.78 -5.87
N ARG A 161 0.68 -8.56 -4.78
CA ARG A 161 -0.57 -9.21 -4.39
C ARG A 161 -1.61 -8.18 -3.96
N LEU A 162 -1.20 -7.18 -3.19
CA LEU A 162 -2.10 -6.08 -2.83
C LEU A 162 -2.64 -5.39 -4.07
N MET A 163 -1.77 -5.11 -5.05
CA MET A 163 -2.22 -4.40 -6.24
C MET A 163 -3.24 -5.24 -7.04
N LYS A 164 -3.00 -6.56 -7.19
CA LYS A 164 -3.97 -7.40 -7.84
C LYS A 164 -5.32 -7.38 -7.12
N ASP A 165 -5.28 -7.49 -5.79
CA ASP A 165 -6.51 -7.51 -5.02
C ASP A 165 -7.25 -6.17 -5.14
N MET A 166 -6.50 -5.08 -5.01
CA MET A 166 -7.06 -3.76 -5.17
C MET A 166 -7.78 -3.70 -6.52
N ALA A 167 -7.04 -4.05 -7.59
CA ALA A 167 -7.61 -4.00 -8.93
C ALA A 167 -8.89 -4.82 -9.02
N SER A 168 -8.91 -5.98 -8.37
CA SER A 168 -10.05 -6.89 -8.44
C SER A 168 -11.28 -6.31 -7.76
N GLN A 169 -11.02 -5.33 -6.87
CA GLN A 169 -12.07 -4.63 -6.16
C GLN A 169 -12.28 -3.19 -6.66
N LYS A 170 -11.69 -2.87 -7.82
CA LYS A 170 -11.81 -1.58 -8.46
C LYS A 170 -11.21 -0.45 -7.61
N LEU A 171 -10.22 -0.76 -6.74
CA LEU A 171 -9.51 0.30 -6.01
C LEU A 171 -8.40 0.81 -6.92
N ASN A 172 -8.18 2.13 -6.96
CA ASN A 172 -7.42 2.72 -8.05
C ASN A 172 -6.22 3.56 -7.58
N GLN A 173 -5.95 3.58 -6.27
CA GLN A 173 -4.93 4.48 -5.72
C GLN A 173 -4.18 3.83 -4.57
N LEU A 174 -2.84 3.69 -4.74
CA LEU A 174 -1.97 3.12 -3.72
C LEU A 174 -0.98 4.18 -3.22
N TRP A 175 -1.18 4.67 -2.00
CA TRP A 175 -0.22 5.55 -1.34
C TRP A 175 0.88 4.71 -0.73
N ILE A 176 2.13 5.12 -0.96
CA ILE A 176 3.27 4.42 -0.41
C ILE A 176 4.20 5.47 0.18
N GLU A 177 4.32 5.47 1.50
CA GLU A 177 5.37 6.23 2.15
C GLU A 177 6.57 5.31 2.25
N ALA A 178 7.68 5.71 1.64
CA ALA A 178 8.88 4.88 1.63
C ALA A 178 10.09 5.70 1.27
N LYS A 179 11.27 5.16 1.64
CA LYS A 179 12.57 5.74 1.31
C LYS A 179 13.12 5.03 0.09
N VAL A 180 13.45 5.85 -0.91
CA VAL A 180 14.24 5.45 -2.06
C VAL A 180 15.70 5.49 -1.62
N LYS A 181 16.43 4.38 -1.83
CA LYS A 181 17.86 4.38 -1.66
C LYS A 181 18.48 5.52 -2.47
N SER A 182 19.08 6.48 -1.77
CA SER A 182 19.42 7.76 -2.36
C SER A 182 20.88 7.83 -2.83
N ASP A 183 21.02 8.36 -4.05
CA ASP A 183 22.31 8.76 -4.60
C ASP A 183 22.56 10.24 -4.33
N THR A 184 21.52 11.06 -4.32
CA THR A 184 21.55 12.48 -3.95
C THR A 184 22.10 12.65 -2.53
N ASP A 185 21.61 11.83 -1.58
CA ASP A 185 22.02 11.91 -0.19
C ASP A 185 22.31 10.52 0.36
N PRO A 186 23.51 9.95 0.11
CA PRO A 186 23.82 8.61 0.60
C PRO A 186 23.74 8.46 2.11
N ALA A 187 23.88 9.56 2.86
CA ALA A 187 23.81 9.56 4.31
C ALA A 187 22.40 9.24 4.83
N SER A 188 21.41 9.21 3.94
CA SER A 188 20.05 8.81 4.27
C SER A 188 19.81 7.32 3.91
N ALA A 189 20.74 6.66 3.22
CA ALA A 189 20.50 5.33 2.65
C ALA A 189 20.80 4.21 3.64
N PHE A 190 19.99 4.14 4.68
CA PHE A 190 20.06 3.08 5.68
C PHE A 190 18.69 2.44 5.71
N TRP A 191 18.69 1.13 5.98
CA TRP A 191 17.50 0.30 5.90
C TRP A 191 16.46 0.76 6.93
N GLY A 192 15.16 0.69 6.61
CA GLY A 192 14.63 0.18 5.35
C GLY A 192 14.70 1.21 4.22
N TYR A 193 14.90 0.71 3.01
CA TYR A 193 14.71 1.48 1.77
C TYR A 193 14.34 0.55 0.61
N TYR A 194 13.90 1.17 -0.51
CA TYR A 194 13.74 0.50 -1.79
C TYR A 194 14.80 0.98 -2.78
N THR A 195 15.41 0.04 -3.48
CA THR A 195 16.34 0.42 -4.54
C THR A 195 15.56 1.08 -5.66
N LYS A 196 16.25 1.78 -6.54
CA LYS A 196 15.56 2.41 -7.65
C LYS A 196 14.95 1.36 -8.61
N PRO A 197 15.65 0.27 -8.95
CA PRO A 197 14.99 -0.82 -9.68
C PRO A 197 13.73 -1.40 -9.03
N GLN A 198 13.70 -1.55 -7.69
CA GLN A 198 12.49 -2.00 -7.00
C GLN A 198 11.36 -0.99 -7.19
N VAL A 199 11.65 0.32 -7.10
CA VAL A 199 10.63 1.33 -7.32
C VAL A 199 10.09 1.22 -8.74
N ARG A 200 10.99 1.07 -9.71
CA ARG A 200 10.56 0.92 -11.09
C ARG A 200 9.70 -0.34 -11.28
N THR A 201 9.97 -1.39 -10.49
CA THR A 201 9.15 -2.59 -10.55
C THR A 201 7.74 -2.28 -10.05
N LEU A 202 7.69 -1.58 -8.91
CA LEU A 202 6.42 -1.17 -8.33
C LEU A 202 5.60 -0.34 -9.31
N VAL A 203 6.25 0.62 -10.00
CA VAL A 203 5.62 1.48 -10.98
C VAL A 203 5.06 0.64 -12.13
N ALA A 204 5.87 -0.28 -12.65
CA ALA A 204 5.45 -1.27 -13.63
C ALA A 204 4.18 -2.00 -13.22
N MET A 205 4.17 -2.57 -12.00
CA MET A 205 3.02 -3.28 -11.49
C MET A 205 1.80 -2.37 -11.47
N ALA A 206 1.96 -1.15 -10.94
CA ALA A 206 0.80 -0.30 -10.72
C ALA A 206 0.18 0.05 -12.07
N ARG A 207 1.02 0.28 -13.07
CA ARG A 207 0.51 0.56 -14.40
C ARG A 207 -0.26 -0.63 -14.96
N LYS A 208 0.27 -1.84 -14.80
CA LYS A 208 -0.44 -3.03 -15.28
C LYS A 208 -1.81 -3.24 -14.65
N TYR A 209 -1.95 -2.92 -13.34
CA TYR A 209 -3.17 -3.16 -12.59
C TYR A 209 -4.01 -1.89 -12.45
N HIS A 210 -3.76 -0.90 -13.31
CA HIS A 210 -4.63 0.25 -13.44
C HIS A 210 -4.72 1.05 -12.15
N ILE A 211 -3.61 1.15 -11.43
CA ILE A 211 -3.55 1.81 -10.14
C ILE A 211 -2.62 3.00 -10.25
N GLU A 212 -3.01 4.10 -9.61
CA GLU A 212 -2.18 5.30 -9.49
C GLU A 212 -1.36 5.23 -8.19
N LEU A 213 -0.03 5.37 -8.27
CA LEU A 213 0.79 5.41 -7.07
C LEU A 213 0.91 6.85 -6.58
N VAL A 214 0.85 6.97 -5.24
CA VAL A 214 0.98 8.24 -4.54
C VAL A 214 2.12 8.08 -3.54
N PRO A 215 3.38 8.38 -3.95
CA PRO A 215 4.52 8.24 -3.04
C PRO A 215 4.64 9.40 -2.06
N GLU A 216 5.21 9.12 -0.89
CA GLU A 216 5.46 10.14 0.12
C GLU A 216 6.87 10.01 0.68
N ILE A 217 7.54 11.18 0.81
CA ILE A 217 8.53 11.38 1.85
C ILE A 217 7.92 12.41 2.81
N ASN A 218 7.83 12.07 4.10
CA ASN A 218 7.24 12.99 5.06
C ASN A 218 8.16 14.18 5.34
N SER A 219 7.57 15.39 5.36
CA SER A 219 8.27 16.62 5.72
C SER A 219 7.20 17.61 6.15
N PRO A 220 7.46 18.65 6.96
CA PRO A 220 8.74 18.84 7.63
C PRO A 220 8.94 18.09 8.95
N GLY A 221 7.92 17.38 9.44
CA GLY A 221 8.06 16.45 10.56
C GLY A 221 8.34 15.02 10.07
N HIS A 222 8.56 14.11 11.02
CA HIS A 222 8.81 12.71 10.74
C HIS A 222 9.96 12.48 9.76
N MET A 223 11.01 13.32 9.82
CA MET A 223 12.13 13.22 8.88
C MET A 223 13.32 12.54 9.54
N ASP A 224 13.10 11.88 10.65
CA ASP A 224 14.24 11.24 11.32
C ASP A 224 14.92 10.20 10.42
N THR A 225 14.17 9.58 9.50
CA THR A 225 14.74 8.63 8.55
C THR A 225 15.67 9.30 7.53
N TYR A 226 15.70 10.65 7.47
CA TYR A 226 16.56 11.41 6.58
C TYR A 226 17.52 12.34 7.33
N LEU A 227 17.16 12.82 8.53
CA LEU A 227 17.95 13.87 9.17
C LEU A 227 18.89 13.33 10.24
N GLU A 228 18.79 12.03 10.53
CA GLU A 228 19.61 11.35 11.53
C GLU A 228 21.08 11.77 11.36
N ASN A 229 21.54 11.90 10.11
CA ASN A 229 22.92 12.23 9.81
C ASN A 229 23.07 13.66 9.28
N HIS A 230 22.02 14.51 9.40
CA HIS A 230 22.10 15.93 9.14
C HIS A 230 21.60 16.75 10.33
N PRO A 231 22.32 16.77 11.47
CA PRO A 231 21.94 17.64 12.60
C PRO A 231 21.87 19.12 12.25
N GLU A 232 22.57 19.55 11.19
CA GLU A 232 22.56 20.97 10.79
C GLU A 232 21.19 21.39 10.25
N LEU A 233 20.34 20.43 9.82
CA LEU A 233 19.04 20.80 9.29
C LEU A 233 17.93 20.67 10.33
N GLN A 234 18.25 20.22 11.55
CA GLN A 234 17.22 19.94 12.52
C GLN A 234 16.73 21.21 13.20
N LEU A 235 15.43 21.27 13.44
CA LEU A 235 14.82 22.41 14.14
C LEU A 235 15.25 22.45 15.61
N LYS A 236 15.67 23.62 16.10
CA LYS A 236 16.05 23.79 17.50
C LYS A 236 15.01 24.65 18.23
N ASP A 237 14.80 24.39 19.53
CA ASP A 237 13.90 25.22 20.32
C ASP A 237 14.63 26.38 20.98
N ARG A 238 13.93 27.18 21.80
CA ARG A 238 14.53 28.36 22.41
C ARG A 238 15.77 28.00 23.25
N ASP A 239 15.80 26.80 23.82
CA ASP A 239 16.95 26.37 24.62
C ASP A 239 18.02 25.74 23.77
N GLY A 240 17.86 25.78 22.45
CA GLY A 240 18.89 25.30 21.54
C GLY A 240 18.81 23.80 21.24
N VAL A 241 17.75 23.14 21.74
CA VAL A 241 17.65 21.69 21.67
C VAL A 241 17.05 21.24 20.33
N ALA A 242 17.71 20.30 19.67
CA ALA A 242 17.25 19.83 18.37
C ALA A 242 16.09 18.85 18.53
N SER A 243 15.11 18.97 17.63
CA SER A 243 14.09 17.94 17.43
C SER A 243 14.51 17.07 16.24
N PRO A 244 15.13 15.90 16.44
CA PRO A 244 15.65 15.13 15.30
C PRO A 244 14.68 14.87 14.14
N PRO A 245 13.39 14.60 14.38
CA PRO A 245 12.45 14.40 13.27
C PRO A 245 12.07 15.64 12.46
N ARG A 246 12.47 16.84 12.92
CA ARG A 246 11.87 18.08 12.42
C ARG A 246 12.89 18.91 11.68
N LEU A 247 12.52 19.28 10.47
CA LEU A 247 13.33 20.14 9.63
C LEU A 247 13.13 21.59 10.08
N ASP A 248 14.23 22.33 10.12
CA ASP A 248 14.20 23.75 10.40
C ASP A 248 13.73 24.50 9.16
N ILE A 249 12.42 24.74 9.11
CA ILE A 249 11.82 25.38 7.95
C ILE A 249 12.13 26.87 7.86
N SER A 250 12.85 27.43 8.83
CA SER A 250 13.25 28.81 8.74
C SER A 250 14.44 28.93 7.79
N ARG A 251 15.12 27.81 7.48
CA ARG A 251 16.38 27.87 6.74
C ARG A 251 16.15 27.51 5.27
N PRO A 252 16.68 28.34 4.33
CA PRO A 252 16.58 28.05 2.90
C PRO A 252 17.15 26.68 2.57
N GLU A 253 18.19 26.26 3.31
CA GLU A 253 18.84 24.99 3.02
C GLU A 253 17.87 23.82 3.26
N ALA A 254 16.89 23.99 4.15
CA ALA A 254 15.94 22.93 4.48
C ALA A 254 15.02 22.62 3.28
N LEU A 255 14.43 23.67 2.66
CA LEU A 255 13.63 23.49 1.46
C LEU A 255 14.46 22.94 0.29
N ALA A 256 15.69 23.45 0.11
CA ALA A 256 16.59 22.91 -0.91
C ALA A 256 16.88 21.42 -0.70
N TYR A 257 17.10 21.04 0.56
CA TYR A 257 17.37 19.63 0.84
C TYR A 257 16.13 18.82 0.48
N TYR A 258 14.97 19.25 1.01
CA TYR A 258 13.77 18.43 0.86
C TYR A 258 13.42 18.32 -0.62
N THR A 259 13.47 19.45 -1.35
CA THR A 259 13.02 19.40 -2.74
C THR A 259 13.96 18.53 -3.56
N SER A 260 15.23 18.44 -3.16
CA SER A 260 16.19 17.57 -3.83
C SER A 260 15.76 16.12 -3.65
N MET A 261 15.35 15.74 -2.43
CA MET A 261 14.95 14.37 -2.19
C MET A 261 13.63 14.02 -2.90
N VAL A 262 12.73 15.00 -2.96
CA VAL A 262 11.48 14.86 -3.68
C VAL A 262 11.79 14.62 -5.16
N ASP A 263 12.68 15.45 -5.72
CA ASP A 263 12.99 15.36 -7.14
C ASP A 263 13.52 13.95 -7.47
N GLU A 264 14.44 13.44 -6.64
CA GLU A 264 15.04 12.13 -6.87
C GLU A 264 13.98 11.03 -6.85
N ALA A 265 13.03 11.12 -5.88
CA ALA A 265 11.97 10.16 -5.68
C ALA A 265 10.95 10.26 -6.82
N LEU A 266 10.59 11.47 -7.23
CA LEU A 266 9.65 11.66 -8.33
C LEU A 266 10.22 11.15 -9.66
N LYS A 267 11.53 11.23 -9.83
CA LYS A 267 12.16 10.75 -11.05
C LYS A 267 11.83 9.27 -11.21
N VAL A 268 11.91 8.50 -10.12
CA VAL A 268 11.74 7.08 -10.25
C VAL A 268 10.27 6.68 -10.11
N TRP A 269 9.53 7.33 -9.22
CA TRP A 269 8.16 6.96 -9.01
C TRP A 269 7.33 7.39 -10.21
N ASP A 270 7.72 8.50 -10.83
CA ASP A 270 7.14 8.98 -12.07
C ASP A 270 5.63 9.17 -11.92
N SER A 271 5.20 9.64 -10.74
CA SER A 271 3.80 9.76 -10.38
C SER A 271 3.28 11.16 -10.69
N ARG A 272 1.97 11.28 -10.90
CA ARG A 272 1.30 12.55 -11.08
C ARG A 272 1.29 13.30 -9.77
N TYR A 273 1.07 12.55 -8.68
CA TYR A 273 1.01 13.16 -7.37
C TYR A 273 2.28 12.95 -6.55
N TRP A 274 2.55 13.94 -5.71
CA TRP A 274 3.52 13.82 -4.63
C TRP A 274 2.77 14.09 -3.32
N HIS A 275 2.98 13.26 -2.30
CA HIS A 275 2.43 13.51 -0.98
C HIS A 275 3.59 13.82 -0.05
N MET A 276 3.53 14.99 0.61
CA MET A 276 4.67 15.39 1.43
C MET A 276 4.41 15.15 2.92
N GLY A 277 3.24 14.59 3.25
CA GLY A 277 2.91 14.22 4.62
C GLY A 277 2.41 15.46 5.37
N ALA A 278 3.37 16.10 6.07
CA ALA A 278 3.17 17.39 6.74
C ALA A 278 2.24 17.23 7.95
N ASP A 279 2.23 16.03 8.52
CA ASP A 279 1.50 15.69 9.74
C ASP A 279 2.38 15.83 10.99
N GLU A 280 1.76 16.23 12.10
CA GLU A 280 2.35 16.18 13.44
C GLU A 280 3.57 17.10 13.63
N TYR A 281 3.57 18.31 13.01
CA TYR A 281 4.73 19.19 13.02
C TYR A 281 4.80 20.08 14.27
N MET A 282 3.84 21.00 14.39
CA MET A 282 3.82 21.83 15.56
C MET A 282 2.39 22.22 15.92
N ILE A 283 2.19 22.52 17.20
CA ILE A 283 0.96 23.13 17.67
C ILE A 283 1.27 24.47 18.31
N GLY A 284 0.24 25.33 18.42
CA GLY A 284 0.39 26.70 18.89
C GLY A 284 0.87 26.83 20.34
N SER A 285 0.62 25.81 21.17
CA SER A 285 1.12 25.81 22.52
C SER A 285 2.65 25.77 22.56
N SER A 286 3.30 25.34 21.48
CA SER A 286 4.76 25.29 21.43
C SER A 286 5.40 26.62 21.00
N TYR A 287 4.60 27.64 20.63
CA TYR A 287 5.19 28.78 19.95
C TYR A 287 6.17 29.55 20.83
N PRO A 288 5.98 29.73 22.17
CA PRO A 288 6.98 30.39 23.00
C PRO A 288 8.35 29.70 22.90
N ASP A 289 8.37 28.44 22.47
CA ASP A 289 9.60 27.66 22.44
C ASP A 289 10.32 27.72 21.09
N TYR A 290 9.74 28.40 20.08
CA TYR A 290 10.35 28.46 18.74
C TYR A 290 10.34 29.90 18.24
N PRO A 291 11.00 30.84 18.96
CA PRO A 291 10.96 32.25 18.59
C PRO A 291 11.65 32.53 17.26
N GLN A 292 12.56 31.64 16.83
CA GLN A 292 13.21 31.74 15.53
C GLN A 292 12.23 31.47 14.37
N LEU A 293 11.36 30.45 14.50
CA LEU A 293 10.30 30.27 13.52
C LEU A 293 9.39 31.50 13.52
N GLN A 294 9.07 32.06 14.69
CA GLN A 294 8.19 33.23 14.77
C GLN A 294 8.82 34.42 14.04
N ALA A 295 10.12 34.66 14.27
CA ALA A 295 10.82 35.77 13.64
C ALA A 295 10.87 35.62 12.13
N ALA A 296 11.15 34.39 11.67
CA ALA A 296 11.20 34.14 10.23
C ALA A 296 9.85 34.38 9.58
N ALA A 297 8.77 33.94 10.24
CA ALA A 297 7.42 34.11 9.74
C ALA A 297 7.06 35.60 9.62
N ARG A 298 7.38 36.39 10.65
CA ARG A 298 7.02 37.80 10.69
C ARG A 298 7.88 38.63 9.76
N ALA A 299 9.15 38.25 9.57
CA ALA A 299 9.96 38.91 8.56
C ALA A 299 9.33 38.79 7.18
N LYS A 300 8.78 37.60 6.86
CA LYS A 300 8.24 37.34 5.55
C LYS A 300 6.79 37.82 5.41
N PHE A 301 5.97 37.63 6.46
CA PHE A 301 4.53 37.83 6.32
C PHE A 301 3.88 38.70 7.39
N GLY A 302 4.66 39.45 8.17
CA GLY A 302 4.11 40.56 8.93
C GLY A 302 3.79 40.15 10.36
N ALA A 303 3.24 41.13 11.09
CA ALA A 303 3.11 41.11 12.52
C ALA A 303 2.26 39.94 13.02
N SER A 304 1.32 39.46 12.20
CA SER A 304 0.39 38.43 12.66
C SER A 304 0.82 37.02 12.27
N ALA A 305 1.96 36.87 11.57
CA ALA A 305 2.38 35.59 11.04
C ALA A 305 2.92 34.71 12.17
N THR A 306 2.67 33.42 12.00
CA THR A 306 2.95 32.42 13.00
C THR A 306 3.91 31.39 12.41
N PRO A 307 4.50 30.56 13.26
CA PRO A 307 5.17 29.36 12.74
C PRO A 307 4.29 28.52 11.82
N ASP A 308 2.96 28.54 12.01
CA ASP A 308 2.07 27.79 11.15
C ASP A 308 1.96 28.47 9.79
N ASP A 309 2.09 29.80 9.72
CA ASP A 309 2.22 30.46 8.43
C ASP A 309 3.50 30.05 7.71
N LEU A 310 4.61 29.94 8.42
CA LEU A 310 5.84 29.49 7.81
C LEU A 310 5.69 28.07 7.29
N PHE A 311 5.10 27.19 8.11
CA PHE A 311 4.77 25.83 7.75
C PHE A 311 3.96 25.77 6.46
N THR A 312 2.91 26.58 6.39
CA THR A 312 2.07 26.54 5.20
C THR A 312 2.83 27.08 4.01
N ASP A 313 3.65 28.10 4.20
CA ASP A 313 4.45 28.65 3.11
C ASP A 313 5.43 27.60 2.58
N PHE A 314 6.01 26.81 3.48
CA PHE A 314 6.96 25.78 3.08
C PHE A 314 6.25 24.77 2.17
N ILE A 315 5.05 24.36 2.60
CA ILE A 315 4.23 23.45 1.81
C ILE A 315 3.92 24.08 0.45
N ASN A 316 3.53 25.35 0.43
CA ASN A 316 3.18 26.00 -0.82
C ASN A 316 4.39 26.09 -1.75
N GLN A 317 5.60 26.21 -1.19
CA GLN A 317 6.83 26.26 -1.97
C GLN A 317 7.10 24.90 -2.61
N VAL A 318 6.89 23.82 -1.86
CA VAL A 318 6.98 22.49 -2.44
C VAL A 318 5.95 22.34 -3.56
N ASN A 319 4.71 22.81 -3.33
CA ASN A 319 3.67 22.78 -4.33
C ASN A 319 4.14 23.43 -5.63
N ALA A 320 4.64 24.67 -5.52
CA ALA A 320 5.17 25.35 -6.70
C ALA A 320 6.29 24.53 -7.34
N HIS A 321 7.15 23.93 -6.51
CA HIS A 321 8.27 23.19 -7.06
C HIS A 321 7.80 22.02 -7.94
N VAL A 322 6.90 21.21 -7.41
CA VAL A 322 6.49 20.00 -8.12
C VAL A 322 5.54 20.34 -9.27
N LYS A 323 4.80 21.44 -9.16
CA LYS A 323 3.90 21.85 -10.22
C LYS A 323 4.70 22.24 -11.46
N ALA A 324 5.92 22.73 -11.23
CA ALA A 324 6.82 23.10 -12.30
C ALA A 324 7.13 21.91 -13.21
N ASP A 325 7.00 20.67 -12.69
CA ASP A 325 7.23 19.42 -13.43
C ASP A 325 5.91 18.69 -13.72
N GLY A 326 4.79 19.41 -13.77
CA GLY A 326 3.48 18.87 -14.07
C GLY A 326 2.87 18.02 -12.97
N ARG A 327 3.40 18.10 -11.73
CA ARG A 327 2.90 17.24 -10.65
C ARG A 327 1.93 18.00 -9.77
N SER A 328 1.22 17.26 -8.91
CA SER A 328 0.25 17.81 -7.98
C SER A 328 0.60 17.34 -6.56
N LEU A 329 0.34 18.20 -5.55
CA LEU A 329 0.77 17.94 -4.19
C LEU A 329 -0.40 17.49 -3.32
N ARG A 330 -0.08 16.66 -2.33
CA ARG A 330 -1.01 16.26 -1.27
C ARG A 330 -0.37 16.35 0.12
N ILE A 331 -1.20 16.54 1.14
CA ILE A 331 -0.78 16.60 2.54
C ILE A 331 -1.89 16.02 3.41
N TRP A 332 -1.48 15.60 4.61
CA TRP A 332 -2.39 15.28 5.70
C TRP A 332 -2.98 16.58 6.24
N ASN A 333 -4.11 16.49 6.96
CA ASN A 333 -4.87 17.68 7.32
C ASN A 333 -4.46 18.31 8.66
N ASP A 334 -3.78 17.57 9.54
CA ASP A 334 -3.76 17.95 10.94
C ASP A 334 -2.97 19.25 11.22
N GLY A 335 -2.04 19.66 10.35
CA GLY A 335 -1.39 20.94 10.59
C GLY A 335 -2.20 22.17 10.13
N LEU A 336 -3.40 21.95 9.60
CA LEU A 336 -4.34 23.00 9.23
C LEU A 336 -5.28 23.19 10.42
N ALA A 337 -4.83 24.05 11.34
CA ALA A 337 -5.51 24.17 12.63
C ALA A 337 -5.87 25.62 12.93
N GLY A 338 -6.08 26.40 11.88
CA GLY A 338 -6.57 27.76 11.98
C GLY A 338 -5.55 28.74 12.56
N LYS A 339 -4.25 28.39 12.56
CA LYS A 339 -3.25 29.29 13.13
C LYS A 339 -2.39 29.95 12.05
N ASN A 340 -2.61 29.60 10.77
CA ASN A 340 -1.96 30.25 9.64
C ASN A 340 -2.79 31.50 9.34
N ALA A 341 -2.44 32.57 10.07
CA ALA A 341 -3.21 33.78 10.12
C ALA A 341 -3.09 34.56 8.79
N VAL A 342 -2.02 34.29 8.01
CA VAL A 342 -1.66 35.11 6.87
C VAL A 342 -1.51 34.29 5.58
N VAL A 343 -1.01 33.06 5.68
CA VAL A 343 -0.64 32.25 4.52
C VAL A 343 -1.65 31.14 4.34
N PRO A 344 -2.57 31.25 3.37
CA PRO A 344 -3.51 30.15 3.10
C PRO A 344 -2.74 29.03 2.39
N LEU A 345 -3.17 27.79 2.67
CA LEU A 345 -2.70 26.64 1.89
C LEU A 345 -3.21 26.77 0.47
N ASP A 346 -2.30 26.64 -0.49
CA ASP A 346 -2.70 26.60 -1.89
C ASP A 346 -3.86 25.62 -2.10
N ARG A 347 -4.84 26.10 -2.87
CA ARG A 347 -6.12 25.46 -3.03
C ARG A 347 -6.08 24.18 -3.86
N ASP A 348 -5.01 24.01 -4.63
CA ASP A 348 -4.87 22.84 -5.46
C ASP A 348 -4.02 21.77 -4.78
N ILE A 349 -3.82 21.86 -3.46
CA ILE A 349 -3.19 20.83 -2.66
C ILE A 349 -4.32 19.98 -2.09
N THR A 350 -4.30 18.69 -2.41
CA THR A 350 -5.28 17.75 -1.90
C THR A 350 -5.00 17.53 -0.41
N VAL A 351 -6.05 17.62 0.42
CA VAL A 351 -5.91 17.41 1.84
C VAL A 351 -6.57 16.09 2.21
N GLU A 352 -5.74 15.22 2.78
CA GLU A 352 -6.20 13.91 3.28
C GLU A 352 -6.50 14.05 4.79
N HIS A 353 -7.79 14.04 5.13
CA HIS A 353 -8.27 14.18 6.49
C HIS A 353 -8.29 12.84 7.22
N TRP A 354 -7.43 12.73 8.25
CA TRP A 354 -7.34 11.54 9.09
C TRP A 354 -7.76 11.80 10.53
N LEU A 355 -7.76 13.06 10.99
CA LEU A 355 -8.01 13.34 12.38
C LEU A 355 -8.66 14.70 12.57
N SER A 356 -9.55 14.78 13.59
CA SER A 356 -10.13 16.03 14.03
C SER A 356 -9.67 16.33 15.46
N GLY A 357 -10.05 17.51 15.96
CA GLY A 357 -9.83 17.88 17.34
C GLY A 357 -9.28 19.30 17.50
N GLY A 358 -9.55 19.90 18.66
CA GLY A 358 -9.18 21.27 18.94
C GLY A 358 -9.60 22.22 17.82
N SER A 359 -8.66 22.98 17.27
CA SER A 359 -8.92 23.94 16.23
C SER A 359 -8.58 23.37 14.84
N ILE A 360 -8.36 22.05 14.76
CA ILE A 360 -8.07 21.44 13.47
C ILE A 360 -9.25 21.76 12.55
N GLN A 361 -8.93 22.23 11.35
CA GLN A 361 -9.96 22.68 10.44
C GLN A 361 -10.90 21.51 10.06
N GLN A 362 -12.22 21.78 10.03
CA GLN A 362 -13.23 20.75 9.84
C GLN A 362 -13.33 20.40 8.36
N PRO A 363 -13.70 19.15 8.02
CA PRO A 363 -13.90 18.77 6.63
C PRO A 363 -14.80 19.75 5.88
N SER A 364 -15.92 20.16 6.51
CA SER A 364 -16.85 21.08 5.85
C SER A 364 -16.15 22.37 5.43
N SER A 365 -15.25 22.85 6.31
CA SER A 365 -14.48 24.05 6.09
C SER A 365 -13.48 23.84 4.95
N LEU A 366 -12.78 22.71 4.94
CA LEU A 366 -11.82 22.42 3.87
C LEU A 366 -12.55 22.32 2.51
N LEU A 367 -13.67 21.61 2.50
CA LEU A 367 -14.45 21.43 1.28
C LEU A 367 -15.03 22.76 0.78
N ALA A 368 -15.48 23.59 1.71
CA ALA A 368 -16.05 24.89 1.35
C ALA A 368 -15.02 25.78 0.68
N GLU A 369 -13.73 25.56 0.98
CA GLU A 369 -12.58 26.24 0.37
C GLU A 369 -12.25 25.79 -1.04
N GLY A 370 -12.97 24.78 -1.54
CA GLY A 370 -12.86 24.34 -2.91
C GLY A 370 -11.64 23.46 -3.18
N ARG A 371 -11.00 22.95 -2.13
CA ARG A 371 -9.85 22.11 -2.34
C ARG A 371 -10.31 20.65 -2.44
N PRO A 372 -9.52 19.78 -3.06
CA PRO A 372 -9.77 18.34 -3.01
C PRO A 372 -9.55 17.84 -1.60
N VAL A 373 -10.58 17.20 -1.02
CA VAL A 373 -10.48 16.62 0.31
C VAL A 373 -10.76 15.12 0.22
N MET A 374 -9.86 14.31 0.79
CA MET A 374 -9.98 12.87 0.80
C MET A 374 -10.28 12.46 2.24
N ASN A 375 -11.21 11.52 2.42
CA ASN A 375 -11.45 10.96 3.74
C ASN A 375 -10.47 9.82 3.98
N SER A 376 -9.54 10.04 4.91
CA SER A 376 -8.51 9.05 5.25
C SER A 376 -8.53 8.85 6.76
N ALA A 377 -9.76 8.74 7.32
CA ALA A 377 -9.96 8.62 8.75
C ALA A 377 -9.03 7.59 9.40
N TYR A 378 -8.56 7.93 10.61
CA TYR A 378 -7.87 7.01 11.49
C TYR A 378 -8.70 5.73 11.63
N SER A 379 -10.05 5.83 11.63
CA SER A 379 -10.93 4.67 11.76
C SER A 379 -10.76 3.67 10.62
N LEU A 380 -10.06 4.08 9.56
CA LEU A 380 -9.78 3.23 8.42
C LEU A 380 -8.33 2.77 8.46
N TYR A 381 -7.68 2.91 9.62
CA TYR A 381 -6.30 2.49 9.83
C TYR A 381 -6.17 1.04 10.31
N LEU A 382 -5.06 0.42 9.91
CA LEU A 382 -4.56 -0.81 10.48
C LEU A 382 -3.17 -0.51 10.97
N VAL A 383 -2.93 -0.73 12.25
CA VAL A 383 -1.66 -0.37 12.84
C VAL A 383 -1.03 -1.61 13.47
N ARG A 384 0.16 -1.95 13.02
CA ARG A 384 0.88 -3.06 13.65
C ARG A 384 1.00 -2.84 15.16
N GLY A 385 0.46 -3.79 15.93
CA GLY A 385 0.53 -3.71 17.38
C GLY A 385 -0.47 -2.76 18.00
N GLY A 386 -1.32 -2.16 17.17
CA GLY A 386 -2.21 -1.08 17.61
C GLY A 386 -3.61 -1.25 17.04
N PHE A 387 -4.21 -0.09 16.73
CA PHE A 387 -5.59 -0.02 16.30
C PHE A 387 -5.81 -0.85 15.02
N THR A 388 -6.92 -1.58 14.96
CA THR A 388 -7.35 -2.22 13.73
C THR A 388 -8.74 -1.72 13.39
N MET A 389 -8.89 -1.27 12.14
CA MET A 389 -10.17 -0.85 11.58
C MET A 389 -11.23 -1.91 11.82
N GLN A 390 -12.40 -1.46 12.30
CA GLN A 390 -13.46 -2.35 12.72
C GLN A 390 -14.49 -2.39 11.61
N THR A 391 -14.22 -3.23 10.62
CA THR A 391 -15.01 -3.26 9.40
C THR A 391 -16.46 -3.55 9.74
N GLN A 392 -16.67 -4.43 10.71
CA GLN A 392 -18.03 -4.84 11.05
C GLN A 392 -18.82 -3.65 11.60
N LYS A 393 -18.21 -2.83 12.47
CA LYS A 393 -18.88 -1.65 13.00
C LYS A 393 -19.19 -0.62 11.90
N LEU A 394 -18.22 -0.39 11.03
CA LEU A 394 -18.39 0.59 9.95
C LEU A 394 -19.51 0.18 8.99
N TYR A 395 -19.57 -1.11 8.68
CA TYR A 395 -20.61 -1.66 7.82
C TYR A 395 -21.98 -1.53 8.50
N GLU A 396 -22.06 -1.96 9.77
CA GLU A 396 -23.33 -1.97 10.48
C GLU A 396 -23.87 -0.55 10.65
N SER A 397 -22.97 0.45 10.68
CA SER A 397 -23.32 1.85 10.88
C SER A 397 -23.38 2.65 9.58
N ASP A 398 -23.32 1.99 8.41
CA ASP A 398 -23.44 2.62 7.09
C ASP A 398 -22.44 3.75 6.89
N TRP A 399 -21.18 3.51 7.26
CA TRP A 399 -20.11 4.44 6.94
C TRP A 399 -20.03 4.63 5.43
N THR A 400 -19.88 5.89 5.03
CA THR A 400 -19.49 6.29 3.68
C THR A 400 -18.48 7.43 3.81
N PRO A 401 -17.84 7.88 2.71
CA PRO A 401 -16.89 8.98 2.80
C PRO A 401 -17.40 10.29 3.37
N LEU A 402 -18.74 10.44 3.54
CA LEU A 402 -19.33 11.61 4.17
C LEU A 402 -18.99 11.64 5.65
N ARG A 403 -18.63 10.49 6.22
CA ARG A 403 -18.43 10.40 7.65
C ARG A 403 -16.94 10.54 7.97
N PHE A 404 -16.55 11.80 8.27
CA PHE A 404 -15.18 12.09 8.67
C PHE A 404 -15.02 11.99 10.17
N GLU A 405 -13.75 11.84 10.59
CA GLU A 405 -13.49 11.95 12.01
C GLU A 405 -14.00 13.32 12.48
N GLY A 406 -14.79 13.31 13.56
CA GLY A 406 -15.26 14.55 14.13
C GLY A 406 -16.44 15.20 13.40
N GLN A 407 -16.85 14.71 12.22
CA GLN A 407 -17.90 15.42 11.47
C GLN A 407 -18.52 14.50 10.42
N THR A 408 -19.86 14.45 10.41
CA THR A 408 -20.59 13.67 9.43
C THR A 408 -21.27 14.70 8.53
N LEU A 409 -20.91 14.72 7.25
CA LEU A 409 -21.54 15.64 6.33
C LEU A 409 -22.99 15.18 6.09
N THR A 410 -23.87 16.16 5.84
CA THR A 410 -25.29 15.96 5.62
C THR A 410 -25.58 15.78 4.13
N GLN A 411 -24.61 16.09 3.24
CA GLN A 411 -24.75 15.79 1.82
C GLN A 411 -23.40 15.77 1.13
N GLY A 412 -23.38 15.23 -0.09
CA GLY A 412 -22.16 15.12 -0.88
C GLY A 412 -21.58 16.47 -1.30
N ALA A 413 -20.29 16.47 -1.61
CA ALA A 413 -19.64 17.58 -2.30
C ALA A 413 -18.77 17.02 -3.41
N ALA A 414 -18.77 17.71 -4.55
CA ALA A 414 -18.02 17.29 -5.73
C ALA A 414 -16.54 17.12 -5.40
N ASN A 415 -16.04 17.86 -4.40
CA ASN A 415 -14.60 17.92 -4.21
C ASN A 415 -14.18 16.96 -3.10
N LEU A 416 -15.12 16.12 -2.62
CA LEU A 416 -14.79 15.01 -1.73
C LEU A 416 -14.27 13.88 -2.60
N THR A 417 -12.96 13.57 -2.52
CA THR A 417 -12.37 12.82 -3.62
C THR A 417 -12.66 11.32 -3.49
N GLY A 418 -12.93 10.85 -2.28
CA GLY A 418 -12.98 9.43 -1.99
C GLY A 418 -12.40 9.17 -0.62
N ALA A 419 -11.78 8.00 -0.50
CA ALA A 419 -11.36 7.47 0.78
C ALA A 419 -10.31 6.40 0.58
N LYS A 420 -9.52 6.16 1.64
CA LYS A 420 -8.60 5.05 1.66
C LYS A 420 -8.46 4.52 3.08
N ILE A 421 -8.07 3.25 3.14
CA ILE A 421 -7.57 2.61 4.36
C ILE A 421 -6.05 2.79 4.39
N SER A 422 -5.45 2.75 5.59
CA SER A 422 -4.03 3.01 5.71
C SER A 422 -3.40 2.01 6.68
N LEU A 423 -2.23 1.48 6.28
CA LEU A 423 -1.54 0.43 6.98
C LEU A 423 -0.23 1.03 7.51
N TRP A 424 -0.07 0.98 8.83
CA TRP A 424 1.02 1.61 9.56
C TRP A 424 1.79 0.58 10.34
N PRO A 425 3.14 0.72 10.45
CA PRO A 425 3.95 -0.26 11.19
C PRO A 425 4.40 0.11 12.60
N ASP A 426 3.60 0.91 13.34
CA ASP A 426 4.04 1.61 14.52
C ASP A 426 4.80 0.69 15.47
N SER A 427 4.27 -0.50 15.79
CA SER A 427 5.05 -1.50 16.50
C SER A 427 5.48 -2.55 15.47
N ALA A 428 6.59 -2.30 14.79
CA ALA A 428 6.90 -2.99 13.55
C ALA A 428 7.12 -4.49 13.76
N ALA A 429 7.54 -4.92 14.93
CA ALA A 429 7.83 -6.32 15.16
C ALA A 429 6.60 -7.06 15.71
N ALA A 430 5.46 -6.38 15.88
CA ALA A 430 4.34 -7.00 16.60
C ALA A 430 3.52 -7.90 15.68
N GLU A 431 3.72 -7.74 14.36
CA GLU A 431 2.94 -8.35 13.30
C GLU A 431 3.76 -8.46 12.03
N THR A 432 3.68 -9.62 11.36
CA THR A 432 4.31 -9.83 10.08
C THR A 432 3.48 -9.18 8.96
N GLU A 433 4.13 -8.95 7.80
CA GLU A 433 3.36 -8.40 6.68
C GLU A 433 2.29 -9.42 6.24
N ASN A 434 2.53 -10.73 6.41
CA ASN A 434 1.52 -11.70 6.01
C ASN A 434 0.32 -11.68 6.95
N GLU A 435 0.55 -11.42 8.24
CA GLU A 435 -0.57 -11.29 9.16
C GLU A 435 -1.39 -10.06 8.75
N VAL A 436 -0.70 -9.00 8.35
CA VAL A 436 -1.39 -7.77 7.97
C VAL A 436 -2.24 -8.02 6.74
N GLU A 437 -1.67 -8.74 5.78
CA GLU A 437 -2.36 -9.13 4.55
C GLU A 437 -3.66 -9.85 4.88
N THR A 438 -3.61 -10.74 5.87
CA THR A 438 -4.81 -11.39 6.34
C THR A 438 -5.79 -10.35 6.87
N LYS A 439 -5.32 -9.52 7.80
CA LYS A 439 -6.22 -8.60 8.47
C LYS A 439 -6.83 -7.56 7.52
N VAL A 440 -6.20 -7.30 6.38
CA VAL A 440 -6.69 -6.23 5.50
C VAL A 440 -7.80 -6.71 4.57
N PHE A 441 -8.04 -8.03 4.50
CA PHE A 441 -8.95 -8.58 3.51
C PHE A 441 -10.30 -7.86 3.54
N MET A 442 -10.94 -7.83 4.69
CA MET A 442 -12.27 -7.26 4.74
C MET A 442 -12.21 -5.73 4.67
N PRO A 443 -11.28 -5.05 5.38
CA PRO A 443 -11.06 -3.62 5.18
C PRO A 443 -11.02 -3.21 3.71
N LEU A 444 -10.25 -3.92 2.91
CA LEU A 444 -10.07 -3.59 1.50
C LEU A 444 -11.42 -3.65 0.79
N ARG A 445 -12.18 -4.76 0.98
CA ARG A 445 -13.48 -4.90 0.33
C ARG A 445 -14.42 -3.83 0.86
N PHE A 446 -14.29 -3.47 2.13
CA PHE A 446 -15.23 -2.48 2.65
C PHE A 446 -14.97 -1.10 2.03
N VAL A 447 -13.71 -0.66 1.99
CA VAL A 447 -13.45 0.66 1.43
C VAL A 447 -13.77 0.69 -0.08
N ALA A 448 -13.55 -0.42 -0.80
CA ALA A 448 -13.91 -0.49 -2.22
C ALA A 448 -15.42 -0.30 -2.38
N GLN A 449 -16.20 -0.92 -1.48
CA GLN A 449 -17.65 -0.86 -1.53
C GLN A 449 -18.12 0.54 -1.21
N ALA A 450 -17.54 1.12 -0.16
CA ALA A 450 -17.98 2.43 0.31
C ALA A 450 -17.63 3.53 -0.69
N THR A 451 -16.53 3.38 -1.44
CA THR A 451 -16.14 4.43 -2.39
C THR A 451 -16.70 4.19 -3.80
N TRP A 452 -17.03 2.93 -4.18
CA TRP A 452 -17.66 2.73 -5.47
C TRP A 452 -19.11 3.25 -5.44
N GLY A 453 -19.84 3.04 -4.33
CA GLY A 453 -21.05 3.81 -4.08
C GLY A 453 -22.36 3.08 -4.36
N GLY A 454 -22.33 1.79 -4.68
CA GLY A 454 -23.53 1.02 -4.89
C GLY A 454 -24.22 0.71 -3.57
N PRO A 455 -25.44 0.17 -3.58
CA PRO A 455 -26.14 -0.09 -2.34
C PRO A 455 -25.55 -1.27 -1.58
N LYS A 456 -25.89 -1.33 -0.29
CA LYS A 456 -25.29 -2.27 0.62
C LYS A 456 -25.64 -3.68 0.15
N PRO A 457 -24.67 -4.62 0.04
CA PRO A 457 -24.97 -5.97 -0.42
C PRO A 457 -25.93 -6.80 0.43
N SER A 458 -25.68 -6.91 1.74
CA SER A 458 -26.61 -7.59 2.63
C SER A 458 -26.83 -6.77 3.89
N PRO A 459 -27.98 -6.93 4.58
CA PRO A 459 -28.24 -6.18 5.79
C PRO A 459 -27.30 -6.60 6.93
N THR A 460 -26.77 -7.84 6.90
CA THR A 460 -25.81 -8.25 7.92
C THR A 460 -24.37 -8.17 7.41
N TYR A 461 -23.46 -7.75 8.29
CA TYR A 461 -22.04 -7.86 8.02
C TYR A 461 -21.67 -9.30 7.62
N ALA A 462 -22.26 -10.30 8.32
CA ALA A 462 -22.01 -11.72 8.10
C ALA A 462 -22.10 -12.08 6.61
N GLY A 463 -23.13 -11.56 5.97
CA GLY A 463 -23.43 -11.85 4.57
C GLY A 463 -22.46 -11.17 3.61
N PHE A 464 -22.01 -9.96 3.99
CA PHE A 464 -20.96 -9.25 3.28
C PHE A 464 -19.65 -10.01 3.38
N GLU A 465 -19.32 -10.45 4.61
CA GLU A 465 -18.12 -11.23 4.81
C GLU A 465 -18.20 -12.57 4.06
N ALA A 466 -19.36 -13.23 4.09
CA ALA A 466 -19.57 -14.44 3.32
C ALA A 466 -19.35 -14.21 1.82
N LEU A 467 -19.92 -13.12 1.27
CA LEU A 467 -19.79 -12.80 -0.15
C LEU A 467 -18.31 -12.51 -0.48
N ALA A 468 -17.63 -11.74 0.38
CA ALA A 468 -16.24 -11.41 0.15
C ALA A 468 -15.35 -12.67 0.16
N ARG A 469 -15.60 -13.58 1.11
CA ARG A 469 -14.80 -14.79 1.21
C ARG A 469 -15.07 -15.69 0.00
N LYS A 470 -16.33 -15.75 -0.43
CA LYS A 470 -16.74 -16.57 -1.56
C LYS A 470 -16.01 -16.11 -2.83
N ILE A 471 -16.00 -14.78 -3.04
CA ILE A 471 -15.34 -14.21 -4.19
C ILE A 471 -13.83 -14.44 -4.10
N GLY A 472 -13.28 -14.17 -2.93
CA GLY A 472 -11.89 -14.54 -2.69
C GLY A 472 -10.96 -13.42 -3.14
N HIS A 473 -9.67 -13.76 -3.21
CA HIS A 473 -8.69 -12.86 -3.76
C HIS A 473 -8.89 -12.73 -5.27
N ALA A 474 -8.17 -11.75 -5.83
CA ALA A 474 -7.99 -11.65 -7.27
C ALA A 474 -7.41 -12.94 -7.86
N PRO A 475 -7.72 -13.19 -9.15
CA PRO A 475 -7.08 -14.29 -9.86
C PRO A 475 -5.64 -13.88 -10.13
N GLY A 476 -4.73 -14.81 -9.89
CA GLY A 476 -3.31 -14.55 -10.00
C GLY A 476 -2.78 -13.88 -8.75
N TRP A 477 -3.57 -13.80 -7.68
CA TRP A 477 -3.13 -13.17 -6.46
C TRP A 477 -1.82 -13.82 -6.02
N GLU A 478 -1.84 -15.14 -5.83
CA GLU A 478 -0.70 -15.81 -5.22
C GLU A 478 0.47 -15.76 -6.21
N ASN A 479 1.59 -15.27 -5.70
CA ASN A 479 2.74 -15.09 -6.55
C ASN A 479 3.95 -15.75 -5.94
N THR A 480 3.75 -16.44 -4.83
CA THR A 480 4.80 -17.22 -4.21
C THR A 480 4.29 -18.60 -3.80
N ASP A 481 5.24 -19.46 -3.51
CA ASP A 481 5.00 -20.70 -2.80
C ASP A 481 5.53 -20.52 -1.38
N ARG A 482 4.61 -20.40 -0.42
CA ARG A 482 4.98 -20.13 0.96
C ARG A 482 5.50 -21.37 1.69
N THR A 483 5.25 -22.57 1.14
CA THR A 483 5.59 -23.81 1.80
C THR A 483 6.37 -24.71 0.86
N PRO A 484 7.58 -24.28 0.43
CA PRO A 484 8.38 -25.08 -0.52
C PRO A 484 9.16 -26.25 0.05
N LEU A 485 9.13 -26.40 1.38
CA LEU A 485 9.77 -27.52 2.06
C LEU A 485 8.75 -28.22 2.98
N ALA A 486 8.69 -29.55 2.93
CA ALA A 486 7.86 -30.28 3.87
C ALA A 486 8.44 -30.08 5.27
N ASP A 487 7.60 -29.84 6.29
CA ASP A 487 8.06 -29.73 7.67
C ASP A 487 8.96 -30.92 7.95
N GLY A 488 10.11 -30.68 8.59
CA GLY A 488 11.05 -31.74 8.82
C GLY A 488 12.40 -31.22 9.25
N THR A 489 13.38 -32.13 9.34
CA THR A 489 14.73 -31.79 9.77
C THR A 489 15.67 -31.74 8.54
N TYR A 490 16.43 -30.64 8.41
CA TYR A 490 17.28 -30.37 7.25
C TYR A 490 18.64 -29.83 7.70
N ARG A 491 19.68 -30.28 6.98
CA ARG A 491 20.95 -29.58 6.96
C ARG A 491 20.82 -28.39 5.99
N LEU A 492 21.42 -27.23 6.31
CA LEU A 492 21.38 -26.05 5.44
C LEU A 492 22.82 -25.72 5.06
N THR A 493 23.23 -26.06 3.83
CA THR A 493 24.63 -26.09 3.46
C THR A 493 25.00 -25.14 2.32
N THR A 494 26.26 -24.71 2.34
CA THR A 494 26.83 -23.96 1.23
C THR A 494 28.27 -24.41 1.10
N GLY A 495 28.59 -25.06 -0.02
CA GLY A 495 29.95 -25.53 -0.20
C GLY A 495 30.29 -26.55 0.87
N ALA A 496 31.39 -26.29 1.58
CA ALA A 496 31.86 -27.13 2.67
C ALA A 496 31.22 -26.74 4.00
N LYS A 497 30.29 -25.77 4.05
CA LYS A 497 29.85 -25.28 5.34
C LYS A 497 28.40 -25.64 5.55
N ALA A 498 27.99 -25.71 6.83
CA ALA A 498 26.57 -25.77 7.16
C ALA A 498 26.24 -24.77 8.26
N LEU A 499 24.99 -24.28 8.23
CA LEU A 499 24.46 -23.45 9.30
C LEU A 499 24.48 -24.21 10.61
N ALA A 500 25.04 -23.57 11.65
CA ALA A 500 25.26 -24.26 12.92
C ALA A 500 25.26 -23.29 14.08
N PRO A 501 24.85 -23.76 15.28
CA PRO A 501 25.01 -22.97 16.49
C PRO A 501 26.47 -22.74 16.84
N THR A 502 26.80 -21.51 17.31
CA THR A 502 28.16 -21.20 17.70
C THR A 502 28.12 -20.46 19.04
N ALA A 503 29.26 -19.93 19.47
CA ALA A 503 29.43 -19.39 20.83
C ALA A 503 28.40 -18.29 21.12
N ASP A 504 27.89 -18.25 22.36
CA ASP A 504 27.20 -17.08 22.92
C ASP A 504 25.89 -16.84 22.15
N ALA A 505 25.13 -17.92 21.92
CA ALA A 505 23.83 -17.91 21.23
C ALA A 505 23.97 -17.41 19.77
N GLY A 506 25.18 -17.46 19.22
CA GLY A 506 25.43 -17.13 17.82
C GLY A 506 25.12 -18.29 16.87
N VAL A 507 25.02 -17.93 15.59
CA VAL A 507 24.79 -18.90 14.52
C VAL A 507 25.77 -18.52 13.41
N SER A 508 26.39 -19.52 12.77
CA SER A 508 27.48 -19.30 11.84
C SER A 508 27.40 -20.37 10.75
N LEU A 509 28.12 -20.11 9.64
CA LEU A 509 28.39 -21.11 8.63
C LEU A 509 29.70 -21.77 9.02
N VAL A 510 29.60 -23.03 9.47
CA VAL A 510 30.74 -23.76 10.04
C VAL A 510 31.17 -24.83 9.05
N LYS A 511 32.47 -24.91 8.76
CA LYS A 511 32.99 -25.89 7.81
C LYS A 511 32.75 -27.30 8.35
N ASN A 512 32.25 -28.19 7.49
CA ASN A 512 32.13 -29.60 7.81
C ASN A 512 31.14 -29.86 8.94
N SER A 513 30.26 -28.91 9.25
CA SER A 513 29.29 -29.13 10.31
C SER A 513 28.21 -30.12 9.84
N ALA A 514 27.80 -31.01 10.75
CA ALA A 514 26.64 -31.88 10.52
C ALA A 514 25.41 -31.37 11.27
N ALA A 515 25.41 -30.11 11.70
CA ALA A 515 24.23 -29.48 12.33
C ALA A 515 23.02 -29.47 11.40
N SER A 516 21.85 -29.57 12.06
CA SER A 516 20.58 -29.64 11.38
C SER A 516 19.58 -28.78 12.16
N TRP A 517 18.47 -28.55 11.47
CA TRP A 517 17.42 -27.61 11.85
C TRP A 517 16.08 -28.24 11.57
N ALA A 518 15.16 -28.18 12.55
CA ALA A 518 13.75 -28.43 12.32
C ALA A 518 13.04 -27.21 11.72
N LEU A 519 12.53 -27.39 10.53
CA LEU A 519 11.83 -26.33 9.82
C LEU A 519 10.35 -26.71 9.87
N THR A 520 9.53 -25.80 10.41
CA THR A 520 8.10 -26.01 10.48
C THR A 520 7.39 -24.80 9.92
N ALA A 521 6.43 -25.01 9.03
CA ALA A 521 5.73 -23.87 8.47
C ALA A 521 4.85 -23.25 9.57
N THR A 522 4.69 -21.93 9.52
CA THR A 522 3.90 -21.21 10.48
C THR A 522 2.52 -21.00 9.88
N ALA A 523 1.59 -20.39 10.60
CA ALA A 523 0.27 -20.16 10.00
C ALA A 523 0.27 -19.02 9.00
N ASP A 524 1.27 -18.12 9.07
CA ASP A 524 1.26 -16.88 8.30
C ASP A 524 2.32 -16.93 7.19
N GLY A 525 2.70 -18.12 6.72
CA GLY A 525 3.48 -18.16 5.48
C GLY A 525 5.00 -18.13 5.68
N TYR A 526 5.44 -18.42 6.91
CA TYR A 526 6.84 -18.46 7.25
C TYR A 526 7.17 -19.85 7.80
N TYR A 527 8.39 -19.96 8.33
CA TYR A 527 8.91 -21.17 8.94
C TYR A 527 9.63 -20.78 10.23
N THR A 528 9.44 -21.58 11.30
CA THR A 528 10.34 -21.53 12.43
C THR A 528 11.51 -22.46 12.12
N VAL A 529 12.70 -22.06 12.58
CA VAL A 529 13.95 -22.70 12.22
C VAL A 529 14.65 -23.03 13.53
N ARG A 530 14.49 -24.28 13.97
CA ARG A 530 14.82 -24.69 15.33
C ARG A 530 16.03 -25.61 15.30
N SER A 531 17.06 -25.28 16.08
CA SER A 531 18.28 -26.06 16.09
C SER A 531 18.00 -27.47 16.66
N THR A 532 18.39 -28.52 15.96
CA THR A 532 18.32 -29.86 16.50
C THR A 532 19.30 -30.00 17.66
N GLU A 533 20.45 -29.32 17.60
CA GLU A 533 21.44 -29.45 18.65
C GLU A 533 20.97 -28.83 19.98
N SER A 534 20.50 -27.58 19.92
CA SER A 534 20.24 -26.82 21.13
C SER A 534 18.76 -26.75 21.44
N GLY A 535 17.89 -26.92 20.45
CA GLY A 535 16.47 -26.79 20.70
C GLY A 535 15.97 -25.35 20.63
N GLN A 536 16.84 -24.36 20.40
CA GLN A 536 16.41 -22.98 20.32
C GLN A 536 16.16 -22.56 18.87
N CYS A 537 15.46 -21.43 18.73
CA CYS A 537 14.98 -20.93 17.46
C CYS A 537 15.86 -19.80 16.93
N LEU A 538 16.13 -19.85 15.61
CA LEU A 538 16.75 -18.79 14.85
C LEU A 538 15.94 -17.50 14.97
N ASP A 539 16.64 -16.41 15.35
CA ASP A 539 16.00 -15.17 15.72
C ASP A 539 16.86 -13.99 15.29
N ALA A 540 16.21 -12.82 15.25
CA ALA A 540 16.90 -11.56 15.02
C ALA A 540 16.54 -10.61 16.17
N VAL A 541 17.48 -10.45 17.09
CA VAL A 541 17.26 -9.62 18.27
C VAL A 541 18.39 -8.61 18.49
N ARG A 542 19.50 -8.72 17.75
CA ARG A 542 20.63 -7.85 17.92
C ARG A 542 20.62 -6.68 16.94
N GLY A 543 21.40 -5.64 17.30
CA GLY A 543 21.60 -4.50 16.44
C GLY A 543 20.57 -3.43 16.74
N LYS A 544 20.68 -2.31 16.01
CA LYS A 544 19.79 -1.17 16.16
C LYS A 544 18.35 -1.53 15.80
N LYS A 545 17.43 -1.06 16.65
CA LYS A 545 16.01 -1.20 16.37
C LYS A 545 15.41 0.13 15.95
N TYR A 546 14.43 0.07 15.03
CA TYR A 546 13.50 1.17 14.75
C TYR A 546 12.11 0.57 14.93
N LEU A 547 11.26 1.25 15.71
CA LEU A 547 9.89 0.83 15.92
C LEU A 547 9.88 -0.55 16.56
N GLY A 548 10.92 -0.86 17.35
CA GLY A 548 11.07 -2.13 18.02
C GLY A 548 11.58 -3.26 17.13
N ALA A 549 11.76 -3.02 15.81
CA ALA A 549 12.20 -4.04 14.89
C ALA A 549 13.73 -4.02 14.72
N PRO A 550 14.38 -5.19 14.59
CA PRO A 550 15.82 -5.27 14.33
C PRO A 550 16.19 -5.00 12.87
N LEU A 551 16.50 -3.74 12.59
CA LEU A 551 16.57 -3.31 11.21
C LEU A 551 17.99 -2.92 10.82
N GLU A 552 19.01 -3.43 11.52
CA GLU A 552 20.36 -3.04 11.19
C GLU A 552 20.96 -4.06 10.24
N VAL A 553 21.34 -3.59 9.04
CA VAL A 553 22.11 -4.39 8.13
C VAL A 553 23.45 -4.70 8.79
N GLY A 554 23.79 -6.00 8.85
CA GLY A 554 25.01 -6.49 9.47
C GLY A 554 24.78 -7.05 10.87
N ALA A 555 23.59 -6.85 11.43
CA ALA A 555 23.28 -7.42 12.74
C ALA A 555 23.43 -8.94 12.72
N GLU A 556 23.95 -9.49 13.81
CA GLU A 556 24.10 -10.92 13.92
C GLU A 556 22.77 -11.57 14.21
N LEU A 557 22.55 -12.75 13.58
CA LEU A 557 21.44 -13.62 13.95
C LEU A 557 21.86 -14.44 15.16
N SER A 558 20.87 -14.93 15.89
CA SER A 558 21.13 -15.67 17.12
C SER A 558 20.02 -16.67 17.42
N LEU A 559 20.21 -17.44 18.51
CA LEU A 559 19.27 -18.44 18.97
C LEU A 559 18.64 -17.97 20.27
N ALA A 560 17.32 -18.19 20.33
CA ALA A 560 16.57 -17.87 21.53
C ALA A 560 15.51 -18.95 21.76
N ASN A 561 15.01 -18.98 23.01
CA ASN A 561 13.92 -19.89 23.32
C ASN A 561 12.83 -19.65 22.29
N CYS A 562 12.27 -20.75 21.79
CA CYS A 562 11.20 -20.68 20.80
C CYS A 562 9.95 -20.07 21.41
N SER A 563 9.29 -19.19 20.64
CA SER A 563 8.15 -18.43 21.12
C SER A 563 7.10 -18.36 20.01
N THR A 564 5.85 -18.54 20.41
CA THR A 564 4.69 -18.42 19.53
C THR A 564 4.41 -16.99 19.05
N THR A 565 4.98 -16.01 19.73
CA THR A 565 4.64 -14.60 19.51
C THR A 565 5.82 -13.80 18.98
N ALA A 566 7.06 -14.32 19.07
CA ALA A 566 8.20 -13.59 18.55
C ALA A 566 8.21 -13.66 17.03
N ARG A 567 7.77 -12.58 16.36
CA ARG A 567 7.66 -12.59 14.91
C ARG A 567 9.04 -12.61 14.25
N THR A 568 10.07 -12.17 14.98
CA THR A 568 11.45 -12.24 14.54
C THR A 568 12.00 -13.67 14.44
N GLN A 569 11.25 -14.67 14.94
CA GLN A 569 11.64 -16.08 14.75
C GLN A 569 10.99 -16.71 13.51
N ARG A 570 10.31 -15.88 12.71
CA ARG A 570 9.63 -16.37 11.52
C ARG A 570 10.47 -16.05 10.29
N TRP A 571 10.75 -17.09 9.51
CA TRP A 571 11.58 -17.01 8.32
C TRP A 571 10.83 -17.37 7.05
N GLN A 572 11.02 -16.54 6.01
CA GLN A 572 10.52 -16.83 4.66
C GLN A 572 11.59 -17.60 3.90
N LEU A 573 11.16 -18.70 3.29
CA LEU A 573 12.04 -19.49 2.44
C LEU A 573 11.90 -19.00 1.00
N ASP A 574 12.92 -18.26 0.55
CA ASP A 574 12.93 -17.69 -0.78
C ASP A 574 13.65 -18.70 -1.68
N THR A 575 13.03 -19.16 -2.76
CA THR A 575 13.52 -20.34 -3.45
C THR A 575 14.28 -20.02 -4.73
N GLY A 576 15.20 -20.93 -5.08
CA GLY A 576 15.61 -21.22 -6.44
C GLY A 576 15.64 -22.73 -6.68
N ALA A 577 16.26 -23.14 -7.80
CA ALA A 577 16.33 -24.54 -8.21
C ALA A 577 16.99 -25.40 -7.14
N GLY A 578 18.29 -25.15 -6.88
CA GLY A 578 19.05 -26.00 -5.98
C GLY A 578 19.19 -25.43 -4.57
N ALA A 579 18.68 -24.21 -4.35
CA ALA A 579 18.97 -23.47 -3.12
C ALA A 579 17.82 -22.54 -2.72
N LEU A 580 17.92 -22.10 -1.47
CA LEU A 580 16.97 -21.22 -0.82
C LEU A 580 17.77 -20.19 -0.07
N THR A 581 17.08 -19.09 0.23
CA THR A 581 17.62 -18.06 1.12
C THR A 581 16.60 -17.85 2.22
N LEU A 582 17.07 -17.40 3.38
CA LEU A 582 16.22 -17.22 4.54
C LEU A 582 16.08 -15.73 4.76
N ARG A 583 14.82 -15.28 4.69
CA ARG A 583 14.46 -13.89 4.89
C ARG A 583 13.76 -13.77 6.25
N ASN A 584 14.19 -12.81 7.07
CA ASN A 584 13.55 -12.60 8.35
C ASN A 584 12.18 -11.97 8.06
N ALA A 585 11.12 -12.50 8.65
CA ALA A 585 9.79 -11.97 8.36
C ALA A 585 9.68 -10.49 8.71
N ILE A 586 10.32 -10.11 9.81
CA ILE A 586 10.16 -8.73 10.29
C ILE A 586 11.17 -7.80 9.62
N SER A 587 12.47 -8.13 9.60
CA SER A 587 13.48 -7.21 9.12
C SER A 587 13.50 -7.19 7.59
N GLN A 588 13.09 -8.31 6.96
CA GLN A 588 13.13 -8.48 5.51
C GLN A 588 14.54 -8.45 4.95
N LEU A 589 15.53 -8.74 5.80
CA LEU A 589 16.89 -8.95 5.36
C LEU A 589 17.13 -10.45 5.37
N HIS A 590 18.16 -10.90 4.64
CA HIS A 590 18.44 -12.30 4.45
C HIS A 590 19.66 -12.69 5.27
N LEU A 591 19.64 -13.95 5.68
CA LEU A 591 20.77 -14.60 6.30
C LEU A 591 21.93 -14.62 5.32
N THR A 592 23.06 -14.08 5.80
CA THR A 592 24.25 -13.90 5.00
C THR A 592 25.46 -14.32 5.82
N GLU A 593 26.40 -15.06 5.22
CA GLU A 593 27.65 -15.34 5.91
C GLU A 593 28.48 -14.05 5.96
N ARG A 594 28.89 -13.65 7.16
CA ARG A 594 29.90 -12.61 7.33
C ARG A 594 31.28 -13.23 7.08
N ALA A 595 31.95 -12.76 6.01
CA ALA A 595 33.20 -13.34 5.53
C ALA A 595 34.26 -13.44 6.64
N SER A 596 34.38 -12.38 7.45
CA SER A 596 35.47 -12.28 8.42
C SER A 596 35.53 -13.48 9.36
N ASP A 597 34.38 -13.87 9.93
CA ASP A 597 34.34 -14.86 10.98
C ASP A 597 33.32 -15.98 10.69
N GLY A 598 32.63 -15.95 9.56
CA GLY A 598 31.61 -16.93 9.22
C GLY A 598 30.27 -16.75 9.95
N ALA A 599 30.07 -15.65 10.69
CA ALA A 599 28.85 -15.49 11.47
C ALA A 599 27.67 -15.27 10.53
N ALA A 600 26.50 -15.82 10.90
CA ALA A 600 25.30 -15.52 10.15
C ALA A 600 24.79 -14.15 10.61
N VAL A 601 24.69 -13.24 9.67
CA VAL A 601 24.21 -11.89 9.89
C VAL A 601 23.06 -11.65 8.90
N GLN A 602 22.36 -10.54 9.07
CA GLN A 602 21.27 -10.17 8.17
C GLN A 602 21.70 -9.01 7.27
N THR A 603 21.56 -9.19 5.95
CA THR A 603 21.95 -8.17 4.98
C THR A 603 20.95 -8.11 3.83
N THR A 604 21.19 -7.16 2.91
CA THR A 604 20.35 -7.01 1.73
C THR A 604 20.78 -7.97 0.62
N GLY A 605 21.93 -8.61 0.80
CA GLY A 605 22.32 -9.77 0.01
C GLY A 605 21.77 -11.06 0.65
N ALA A 606 22.35 -12.20 0.33
CA ALA A 606 21.93 -13.48 0.88
C ALA A 606 23.02 -14.49 0.59
N THR A 607 23.17 -15.43 1.53
CA THR A 607 23.90 -16.67 1.32
C THR A 607 22.92 -17.75 0.87
N ARG A 608 23.14 -18.34 -0.32
CA ARG A 608 22.29 -19.43 -0.80
C ARG A 608 22.58 -20.72 -0.05
N LEU A 609 21.51 -21.35 0.45
CA LEU A 609 21.60 -22.61 1.19
C LEU A 609 20.82 -23.73 0.50
N THR A 610 21.46 -24.89 0.48
CA THR A 610 20.83 -26.13 0.05
C THR A 610 20.29 -26.86 1.26
N ALA A 611 18.99 -27.18 1.23
CA ALA A 611 18.31 -27.92 2.27
C ALA A 611 18.44 -29.41 1.96
N ARG A 612 19.08 -30.15 2.88
CA ARG A 612 19.28 -31.58 2.70
C ARG A 612 18.63 -32.31 3.87
N ALA A 613 17.62 -33.15 3.55
CA ALA A 613 16.88 -33.86 4.58
C ALA A 613 17.90 -34.63 5.41
N ALA A 614 17.74 -34.63 6.73
CA ALA A 614 18.61 -35.40 7.61
C ALA A 614 17.75 -36.27 8.53
C1 NGA B . -0.81 9.03 13.35
C2 NGA B . 0.40 9.46 12.51
C3 NGA B . 1.13 8.29 11.84
C4 NGA B . 0.96 6.93 12.50
C5 NGA B . -0.53 6.70 12.69
C6 NGA B . -0.88 5.31 13.19
C7 NGA B . -0.92 10.02 10.59
C8 NGA B . -1.11 10.90 9.39
N2 NGA B . 0.02 10.39 11.45
O1 NGA B . -0.67 9.71 14.56
O3 NGA B . 2.47 8.75 11.79
O4 NGA B . 1.64 6.88 13.76
O5 NGA B . -1.02 7.66 13.63
O6 NGA B . -0.93 5.20 14.65
O7 NGA B . -1.56 8.99 10.77
C1 GAL B . 3.32 8.04 10.74
C2 GAL B . 4.21 9.08 10.08
C3 GAL B . 5.15 8.40 9.16
C4 GAL B . 5.93 7.30 9.88
C5 GAL B . 4.92 6.34 10.54
C6 GAL B . 5.55 5.22 11.35
O2 GAL B . 3.38 10.08 9.47
O3 GAL B . 6.05 9.33 8.56
O4 GAL B . 6.82 7.85 10.83
O5 GAL B . 4.10 7.08 11.45
O6 GAL B . 4.59 4.23 11.73
C1 MPD C . -17.00 7.51 14.53
C1 MPD C . -18.59 7.98 13.80
C2 MPD C . -17.50 8.71 13.72
C2 MPD C . -17.18 8.51 14.04
O2 MPD C . -17.49 9.88 14.55
O2 MPD C . -16.45 7.53 14.80
CM MPD C . -18.96 8.52 13.33
CM MPD C . -17.25 9.77 14.89
C3 MPD C . -16.59 8.95 12.53
C3 MPD C . -16.41 8.77 12.74
C4 MPD C . -15.93 7.70 12.01
C4 MPD C . -15.83 7.55 12.07
O4 MPD C . -16.94 6.78 11.66
O4 MPD C . -16.89 6.69 11.70
C5 MPD C . -15.04 7.90 10.81
C5 MPD C . -15.03 7.84 10.85
C1 MPD D . -21.86 -0.66 3.24
C2 MPD D . -22.16 0.58 2.40
O2 MPD D . -22.63 0.04 1.13
CM MPD D . -20.90 1.40 2.21
C3 MPD D . -23.25 1.44 3.03
C4 MPD D . -23.75 2.56 2.19
O4 MPD D . -24.39 2.08 0.97
C5 MPD D . -24.71 3.45 2.93
C1 MPD E . -25.37 -18.85 -23.61
C2 MPD E . -26.76 -19.36 -23.26
O2 MPD E . -26.95 -19.06 -21.85
CM MPD E . -26.87 -20.86 -23.52
C3 MPD E . -27.87 -18.63 -24.00
C4 MPD E . -27.82 -18.78 -25.51
O4 MPD E . -28.62 -19.88 -26.01
C5 MPD E . -28.31 -17.52 -26.15
#